data_5JEI
#
_entry.id   5JEI
#
_cell.length_a   126.465
_cell.length_b   44.425
_cell.length_c   47.276
_cell.angle_alpha   90.00
_cell.angle_beta   90.00
_cell.angle_gamma   90.00
#
_symmetry.space_group_name_H-M   'P 21 21 2'
#
loop_
_entity.id
_entity.type
_entity.pdbx_description
1 polymer 'Glutamate receptor 2,Glutamate receptor 2'
2 non-polymer '2-AMINO-3-(5-FLUORO-2,4-DIOXO-3,4-DIHYDRO-2H-PYRIMIDIN-1-YL)-PROPIONIC ACID'
3 non-polymer 'PHOSPHATE ION'
4 non-polymer 'TETRAETHYLENE GLYCOL'
5 non-polymer DI(HYDROXYETHYL)ETHER
6 non-polymer 2-[2-(2-METHOXY-ETHOXY)-ETHOXY]-ETHOXYL
7 non-polymer 2-(2-METHOXYETHOXY)ETHANOL
8 non-polymer 2-{2-[2-2-(METHOXY-ETHOXY)-ETHOXY]-ETHOXY}-ETHANOL
9 non-polymer 1,2-ETHANEDIOL
10 non-polymer 'SODIUM ION'
11 water water
#
_entity_poly.entity_id   1
_entity_poly.type   'polypeptide(L)'
_entity_poly.pdbx_seq_one_letter_code
;GANKTVVVTTILESPYVMMKKNHEMLEGNERYEGYCVDLAAEIAKHCGFKYKLTIVGDGKYGARDADTKIWNGMVGELVY
GKADIAIAPLTITLVREEVIDFSKPFMSLGISIMIKKGTPIESAEDLSKQTEIAYGTLDSGSTKEFFRRSKIACFDKMWT
YMRSAEPSVFVRTTAEGVARVRKSKGKYAYLLESTMNEYIEQRKPCDTMKVGGNLDSKGYGIATPKGSSLGNAVNLAVLK
LNEQGLLDKLKNKWWYDKGECGSG
;
_entity_poly.pdbx_strand_id   A
#
loop_
_chem_comp.id
_chem_comp.type
_chem_comp.name
_chem_comp.formula
EDO non-polymer 1,2-ETHANEDIOL 'C2 H6 O2'
ETE non-polymer 2-{2-[2-2-(METHOXY-ETHOXY)-ETHOXY]-ETHOXY}-ETHANOL 'C9 H20 O5'
FWD non-polymer '2-AMINO-3-(5-FLUORO-2,4-DIOXO-3,4-DIHYDRO-2H-PYRIMIDIN-1-YL)-PROPIONIC ACID' 'C7 H8 F N3 O4'
NA non-polymer 'SODIUM ION' 'Na 1'
PEG non-polymer DI(HYDROXYETHYL)ETHER 'C4 H10 O3'
PG0 non-polymer 2-(2-METHOXYETHOXY)ETHANOL 'C5 H12 O3'
PG4 non-polymer 'TETRAETHYLENE GLYCOL' 'C8 H18 O5'
PO4 non-polymer 'PHOSPHATE ION' 'O4 P -3'
TOE non-polymer 2-[2-(2-METHOXY-ETHOXY)-ETHOXY]-ETHOXYL 'C7 H16 O4'
#
# COMPACT_ATOMS: atom_id res chain seq x y z
N GLY A 1 -13.86 -29.32 -5.47
CA GLY A 1 -14.27 -29.38 -4.05
C GLY A 1 -15.63 -28.78 -3.75
N ALA A 2 -16.04 -28.88 -2.50
CA ALA A 2 -17.29 -28.27 -2.02
C ALA A 2 -17.26 -26.74 -2.10
N ASN A 3 -18.43 -26.13 -2.18
CA ASN A 3 -18.54 -24.69 -2.03
C ASN A 3 -17.87 -24.26 -0.74
N LYS A 4 -17.22 -23.11 -0.75
CA LYS A 4 -16.47 -22.66 0.40
C LYS A 4 -16.40 -21.15 0.42
N THR A 5 -16.52 -20.55 1.60
CA THR A 5 -16.30 -19.10 1.72
C THR A 5 -14.83 -18.80 1.58
N VAL A 6 -14.48 -17.88 0.69
CA VAL A 6 -13.09 -17.48 0.46
C VAL A 6 -12.62 -16.57 1.59
N VAL A 7 -11.49 -16.90 2.18
CA VAL A 7 -10.89 -16.08 3.20
C VAL A 7 -9.99 -15.05 2.53
N VAL A 8 -10.34 -13.78 2.68
CA VAL A 8 -9.59 -12.66 2.13
C VAL A 8 -8.77 -12.00 3.22
N THR A 9 -7.45 -12.04 3.08
CA THR A 9 -6.58 -11.26 3.95
C THR A 9 -6.46 -9.85 3.36
N THR A 10 -6.51 -8.87 4.24
CA THR A 10 -6.36 -7.47 3.84
C THR A 10 -5.81 -6.69 5.04
N ILE A 11 -5.69 -5.39 4.90
CA ILE A 11 -4.96 -4.56 5.86
C ILE A 11 -5.68 -3.22 5.98
N LEU A 12 -5.68 -2.66 7.19
CA LEU A 12 -6.27 -1.33 7.39
C LEU A 12 -5.28 -0.29 6.88
N GLU A 13 -5.66 0.39 5.80
CA GLU A 13 -4.81 1.36 5.12
C GLU A 13 -5.76 2.23 4.32
N SER A 14 -5.80 3.52 4.65
CA SER A 14 -6.75 4.41 3.99
C SER A 14 -6.26 4.78 2.59
N PRO A 15 -7.16 4.89 1.60
CA PRO A 15 -8.60 4.66 1.61
C PRO A 15 -8.95 3.29 1.08
N TYR A 16 -8.05 2.33 1.18
CA TYR A 16 -8.26 1.00 0.64
C TYR A 16 -9.22 0.17 1.49
N VAL A 17 -8.93 0.13 2.79
CA VAL A 17 -9.77 -0.57 3.74
C VAL A 17 -9.72 0.25 5.02
N MET A 18 -10.88 0.65 5.49
CA MET A 18 -11.06 1.48 6.65
C MET A 18 -12.20 0.95 7.48
N MET A 19 -12.14 1.12 8.78
CA MET A 19 -13.30 0.85 9.61
C MET A 19 -14.35 1.93 9.34
N LYS A 20 -15.60 1.51 9.10
CA LYS A 20 -16.70 2.45 9.04
C LYS A 20 -16.79 3.14 10.41
N LYS A 21 -17.25 4.39 10.42
CA LYS A 21 -17.30 5.10 11.68
C LYS A 21 -18.19 4.37 12.72
N ASN A 22 -19.25 3.73 12.27
CA ASN A 22 -20.13 2.98 13.15
C ASN A 22 -19.84 1.49 13.20
N HIS A 23 -18.59 1.10 12.92
CA HIS A 23 -18.25 -0.30 12.77
C HIS A 23 -18.57 -1.14 14.01
N GLU A 24 -18.54 -0.57 15.20
CA GLU A 24 -18.78 -1.39 16.39
C GLU A 24 -20.18 -2.01 16.36
N MET A 25 -21.12 -1.33 15.72
CA MET A 25 -22.50 -1.81 15.60
C MET A 25 -22.71 -2.82 14.46
N LEU A 26 -21.66 -3.09 13.69
CA LEU A 26 -21.78 -3.83 12.45
C LEU A 26 -21.04 -5.17 12.55
N GLU A 27 -21.37 -6.06 11.63
CA GLU A 27 -20.82 -7.41 11.65
C GLU A 27 -20.20 -7.81 10.31
N GLY A 28 -19.17 -8.65 10.37
CA GLY A 28 -18.61 -9.23 9.17
C GLY A 28 -18.08 -8.18 8.21
N ASN A 29 -18.32 -8.41 6.94
CA ASN A 29 -17.77 -7.55 5.91
C ASN A 29 -18.32 -6.15 6.00
N GLU A 30 -19.49 -5.98 6.63
CA GLU A 30 -20.12 -4.68 6.75
C GLU A 30 -19.36 -3.71 7.62
N ARG A 31 -18.40 -4.20 8.40
CA ARG A 31 -17.60 -3.31 9.24
C ARG A 31 -16.69 -2.36 8.46
N TYR A 32 -16.38 -2.74 7.21
CA TYR A 32 -15.28 -2.12 6.47
C TYR A 32 -15.80 -1.37 5.25
N GLU A 33 -15.00 -0.38 4.81
CA GLU A 33 -15.27 0.32 3.56
C GLU A 33 -13.95 0.76 2.91
N GLY A 34 -14.03 1.08 1.63
CA GLY A 34 -12.89 1.62 0.91
C GLY A 34 -12.73 1.00 -0.47
N TYR A 35 -11.69 1.46 -1.17
CA TYR A 35 -11.44 1.02 -2.53
C TYR A 35 -11.34 -0.51 -2.63
N CYS A 36 -10.56 -1.13 -1.72
CA CYS A 36 -10.38 -2.58 -1.81
C CYS A 36 -11.60 -3.37 -1.32
N VAL A 37 -12.40 -2.79 -0.43
CA VAL A 37 -13.68 -3.39 -0.04
C VAL A 37 -14.61 -3.42 -1.26
N ASP A 38 -14.68 -2.31 -1.98
CA ASP A 38 -15.49 -2.26 -3.21
C ASP A 38 -14.93 -3.23 -4.25
N LEU A 39 -13.60 -3.26 -4.39
CA LEU A 39 -12.98 -4.15 -5.39
C LEU A 39 -13.25 -5.61 -5.07
N ALA A 40 -13.12 -5.97 -3.80
CA ALA A 40 -13.38 -7.36 -3.39
C ALA A 40 -14.80 -7.81 -3.79
N ALA A 41 -15.77 -6.93 -3.56
CA ALA A 41 -17.15 -7.25 -3.89
C ALA A 41 -17.30 -7.48 -5.40
N GLU A 42 -16.65 -6.66 -6.23
CA GLU A 42 -16.73 -6.82 -7.67
C GLU A 42 -16.01 -8.08 -8.14
N ILE A 43 -14.84 -8.37 -7.58
CA ILE A 43 -14.13 -9.59 -7.94
C ILE A 43 -14.96 -10.83 -7.59
N ALA A 44 -15.56 -10.81 -6.40
CA ALA A 44 -16.35 -11.94 -5.94
C ALA A 44 -17.56 -12.16 -6.84
N LYS A 45 -18.21 -11.07 -7.28
CA LYS A 45 -19.35 -11.16 -8.15
C LYS A 45 -18.94 -11.79 -9.47
N HIS A 46 -17.83 -11.34 -10.04
CA HIS A 46 -17.40 -11.84 -11.34
C HIS A 46 -16.90 -13.29 -11.28
N CYS A 47 -16.37 -13.70 -10.14
CA CYS A 47 -15.82 -15.04 -9.98
C CYS A 47 -16.73 -16.04 -9.26
N GLY A 48 -17.87 -15.55 -8.80
CA GLY A 48 -18.90 -16.41 -8.24
C GLY A 48 -18.57 -17.00 -6.88
N PHE A 49 -17.99 -16.21 -5.99
CA PHE A 49 -17.72 -16.69 -4.67
C PHE A 49 -18.25 -15.79 -3.57
N LYS A 50 -18.51 -16.41 -2.43
CA LYS A 50 -18.71 -15.70 -1.18
C LYS A 50 -17.40 -15.57 -0.46
N TYR A 51 -17.26 -14.55 0.39
CA TYR A 51 -15.96 -14.27 1.00
C TYR A 51 -16.10 -13.60 2.36
N LYS A 52 -15.03 -13.69 3.14
CA LYS A 52 -14.93 -13.09 4.46
C LYS A 52 -13.65 -12.24 4.50
N LEU A 53 -13.83 -10.94 4.67
CA LEU A 53 -12.69 -10.04 4.87
C LEU A 53 -12.12 -10.22 6.26
N THR A 54 -10.81 -10.41 6.33
CA THR A 54 -10.10 -10.65 7.57
C THR A 54 -8.86 -9.78 7.62
N ILE A 55 -8.83 -8.84 8.54
CA ILE A 55 -7.68 -7.97 8.73
C ILE A 55 -6.50 -8.77 9.23
N VAL A 56 -5.37 -8.63 8.56
CA VAL A 56 -4.16 -9.38 8.91
C VAL A 56 -3.78 -9.13 10.37
N GLY A 57 -3.55 -10.23 11.09
CA GLY A 57 -3.37 -10.16 12.53
C GLY A 57 -2.20 -9.31 12.99
N ASP A 58 -1.11 -9.36 12.25
CA ASP A 58 0.10 -8.62 12.64
C ASP A 58 0.19 -7.20 12.03
N GLY A 59 -0.78 -6.81 11.23
CA GLY A 59 -0.80 -5.45 10.70
C GLY A 59 0.30 -5.17 9.68
N LYS A 60 0.86 -6.22 9.08
CA LYS A 60 1.98 -6.12 8.16
C LYS A 60 1.65 -6.55 6.74
N TYR A 61 2.36 -5.97 5.78
CA TYR A 61 2.16 -6.32 4.38
C TYR A 61 2.76 -7.68 4.02
N GLY A 62 4.02 -7.88 4.37
CA GLY A 62 4.68 -9.16 4.17
C GLY A 62 6.16 -8.98 3.92
N ALA A 63 6.96 -9.63 4.77
CA ALA A 63 8.40 -9.64 4.66
C ALA A 63 8.90 -10.95 5.20
N ARG A 64 10.06 -11.35 4.70
CA ARG A 64 10.67 -12.63 5.07
C ARG A 64 11.82 -12.35 6.00
N ASP A 65 11.73 -12.87 7.21
CA ASP A 65 12.75 -12.67 8.23
C ASP A 65 14.04 -13.32 7.76
N ALA A 66 15.14 -12.58 7.86
CA ALA A 66 16.42 -13.03 7.31
C ALA A 66 16.93 -14.28 8.00
N ASP A 67 16.64 -14.41 9.30
CA ASP A 67 17.13 -15.51 10.11
C ASP A 67 16.26 -16.76 10.01
N THR A 68 14.97 -16.62 10.28
CA THR A 68 14.06 -17.76 10.40
C THR A 68 13.47 -18.10 9.04
N LYS A 69 13.54 -17.14 8.13
CA LYS A 69 12.99 -17.30 6.77
C LYS A 69 11.46 -17.37 6.77
N ILE A 70 10.86 -16.99 7.89
CA ILE A 70 9.40 -16.95 8.00
C ILE A 70 8.83 -15.66 7.43
N TRP A 71 7.77 -15.80 6.65
CA TRP A 71 7.04 -14.66 6.12
C TRP A 71 6.01 -14.19 7.16
N ASN A 72 5.90 -12.88 7.33
CA ASN A 72 4.81 -12.30 8.11
C ASN A 72 3.78 -11.65 7.20
N GLY A 73 2.81 -10.98 7.81
CA GLY A 73 1.92 -10.13 7.07
C GLY A 73 0.95 -10.90 6.20
N MET A 74 0.36 -10.17 5.26
CA MET A 74 -0.56 -10.77 4.30
C MET A 74 0.14 -11.86 3.49
N VAL A 75 1.39 -11.64 3.09
CA VAL A 75 2.11 -12.64 2.33
C VAL A 75 2.15 -13.95 3.14
N GLY A 76 2.49 -13.85 4.42
CA GLY A 76 2.48 -15.00 5.31
C GLY A 76 1.13 -15.70 5.40
N GLU A 77 0.04 -14.96 5.46
CA GLU A 77 -1.28 -15.59 5.50
C GLU A 77 -1.50 -16.46 4.29
N LEU A 78 -1.05 -16.02 3.12
CA LEU A 78 -1.15 -16.84 1.92
C LEU A 78 -0.19 -18.04 1.93
N VAL A 79 1.08 -17.78 2.20
CA VAL A 79 2.13 -18.81 2.15
C VAL A 79 1.85 -19.94 3.12
N TYR A 80 1.30 -19.63 4.30
CA TYR A 80 1.09 -20.64 5.35
C TYR A 80 -0.32 -21.21 5.34
N GLY A 81 -1.13 -20.83 4.36
CA GLY A 81 -2.39 -21.51 4.12
C GLY A 81 -3.56 -21.01 4.94
N LYS A 82 -3.45 -19.82 5.51
CA LYS A 82 -4.54 -19.25 6.29
C LYS A 82 -5.60 -18.56 5.44
N ALA A 83 -5.19 -17.94 4.36
CA ALA A 83 -6.09 -17.14 3.53
C ALA A 83 -6.03 -17.65 2.10
N ASP A 84 -7.13 -17.48 1.38
CA ASP A 84 -7.25 -17.92 0.00
C ASP A 84 -6.84 -16.84 -1.00
N ILE A 85 -6.86 -15.59 -0.56
CA ILE A 85 -6.61 -14.46 -1.44
C ILE A 85 -6.28 -13.25 -0.60
N ALA A 86 -5.46 -12.37 -1.15
CA ALA A 86 -5.20 -11.05 -0.55
C ALA A 86 -5.73 -9.99 -1.50
N ILE A 87 -6.60 -9.12 -0.97
CA ILE A 87 -7.16 -8.01 -1.74
C ILE A 87 -6.86 -6.73 -0.95
N ALA A 88 -5.81 -6.05 -1.38
CA ALA A 88 -5.12 -5.03 -0.60
C ALA A 88 -4.16 -4.29 -1.50
N PRO A 89 -3.59 -3.16 -1.03
CA PRO A 89 -2.52 -2.48 -1.78
C PRO A 89 -1.20 -3.24 -1.58
N LEU A 90 -1.13 -4.43 -2.15
CA LEU A 90 0.01 -5.33 -2.01
C LEU A 90 0.83 -5.28 -3.29
N THR A 91 2.05 -4.77 -3.14
CA THR A 91 2.94 -4.52 -4.25
C THR A 91 3.52 -5.82 -4.82
N ILE A 92 3.47 -5.89 -6.15
CA ILE A 92 4.06 -6.99 -6.90
C ILE A 92 5.56 -6.79 -6.92
N THR A 93 6.29 -7.73 -6.35
CA THR A 93 7.75 -7.68 -6.30
C THR A 93 8.32 -9.05 -6.67
N LEU A 94 9.56 -9.06 -7.11
CA LEU A 94 10.24 -10.28 -7.49
C LEU A 94 10.24 -11.30 -6.37
N VAL A 95 10.68 -10.90 -5.19
CA VAL A 95 10.83 -11.85 -4.08
C VAL A 95 9.48 -12.47 -3.74
N ARG A 96 8.42 -11.67 -3.81
CA ARG A 96 7.10 -12.20 -3.55
C ARG A 96 6.56 -13.12 -4.65
N GLU A 97 6.81 -12.77 -5.90
CA GLU A 97 6.35 -13.59 -7.03
C GLU A 97 6.96 -14.98 -6.97
N GLU A 98 8.10 -15.14 -6.31
CA GLU A 98 8.69 -16.47 -6.16
C GLU A 98 7.89 -17.37 -5.22
N VAL A 99 7.06 -16.78 -4.35
CA VAL A 99 6.34 -17.55 -3.34
C VAL A 99 4.80 -17.48 -3.37
N ILE A 100 4.24 -16.45 -4.02
CA ILE A 100 2.80 -16.30 -4.20
C ILE A 100 2.56 -15.88 -5.64
N ASP A 101 1.30 -15.96 -6.07
CA ASP A 101 0.89 -15.50 -7.40
C ASP A 101 0.20 -14.15 -7.30
N PHE A 102 0.35 -13.35 -8.35
CA PHE A 102 -0.30 -12.05 -8.45
C PHE A 102 -1.06 -11.91 -9.77
N SER A 103 -2.23 -11.29 -9.69
CA SER A 103 -2.91 -10.80 -10.88
C SER A 103 -2.07 -9.71 -11.54
N LYS A 104 -2.40 -9.41 -12.78
CA LYS A 104 -1.92 -8.17 -13.36
C LYS A 104 -2.37 -7.01 -12.46
N PRO A 105 -1.64 -5.88 -12.55
CA PRO A 105 -1.91 -4.82 -11.58
C PRO A 105 -3.34 -4.25 -11.69
N PHE A 106 -3.93 -3.94 -10.52
CA PHE A 106 -5.19 -3.20 -10.48
C PHE A 106 -4.97 -1.72 -10.25
N MET A 107 -3.74 -1.33 -9.92
CA MET A 107 -3.38 0.07 -9.69
C MET A 107 -1.87 0.20 -9.84
N SER A 108 -1.45 1.30 -10.44
CA SER A 108 -0.05 1.65 -10.60
C SER A 108 0.40 2.58 -9.47
N LEU A 109 1.67 2.51 -9.14
CA LEU A 109 2.23 3.38 -8.11
C LEU A 109 3.75 3.45 -8.27
N GLY A 110 4.36 4.40 -7.57
CA GLY A 110 5.80 4.42 -7.39
C GLY A 110 6.11 5.01 -6.04
N ILE A 111 7.27 4.69 -5.50
CA ILE A 111 7.75 5.38 -4.30
C ILE A 111 7.86 6.88 -4.60
N SER A 112 7.52 7.69 -3.60
CA SER A 112 7.42 9.12 -3.81
C SER A 112 7.78 9.85 -2.53
N ILE A 113 7.89 11.17 -2.62
CA ILE A 113 8.28 11.99 -1.48
C ILE A 113 7.08 12.82 -1.00
N MET A 114 6.75 12.67 0.28
CA MET A 114 5.78 13.54 0.95
C MET A 114 6.52 14.55 1.81
N ILE A 115 6.19 15.82 1.64
CA ILE A 115 6.69 16.88 2.52
C ILE A 115 5.56 17.60 3.21
N LYS A 116 5.90 18.18 4.35
N LYS A 116 5.90 18.17 4.35
CA LYS A 116 5.10 19.25 4.96
CA LYS A 116 5.06 19.22 4.90
C LYS A 116 5.23 20.45 4.02
C LYS A 116 5.22 20.42 3.97
N LYS A 117 4.11 21.07 3.63
CA LYS A 117 4.19 22.16 2.67
C LYS A 117 5.19 23.19 3.13
N GLY A 118 6.01 23.64 2.19
CA GLY A 118 7.02 24.67 2.44
C GLY A 118 8.41 24.13 2.71
N THR A 119 8.52 22.81 2.89
CA THR A 119 9.83 22.16 3.05
C THR A 119 10.64 22.36 1.77
N PRO A 120 11.90 22.82 1.88
CA PRO A 120 12.64 23.11 0.65
C PRO A 120 13.30 21.85 0.07
N ILE A 121 12.47 20.96 -0.44
CA ILE A 121 12.90 19.70 -1.07
C ILE A 121 12.09 19.57 -2.34
N GLU A 122 12.73 19.23 -3.46
CA GLU A 122 12.03 19.02 -4.72
C GLU A 122 12.22 17.64 -5.33
N SER A 123 13.15 16.85 -4.80
CA SER A 123 13.55 15.61 -5.45
C SER A 123 14.28 14.70 -4.48
N ALA A 124 14.43 13.43 -4.87
CA ALA A 124 15.22 12.50 -4.09
C ALA A 124 16.66 12.94 -3.99
N GLU A 125 17.21 13.47 -5.09
CA GLU A 125 18.57 13.95 -5.07
C GLU A 125 18.70 15.06 -4.01
N ASP A 126 17.74 15.98 -3.97
CA ASP A 126 17.75 17.03 -2.94
C ASP A 126 17.79 16.43 -1.55
N LEU A 127 16.89 15.50 -1.28
CA LEU A 127 16.83 14.87 0.05
C LEU A 127 18.14 14.25 0.39
N SER A 128 18.71 13.53 -0.58
CA SER A 128 19.89 12.73 -0.36
C SER A 128 21.11 13.61 -0.05
N LYS A 129 21.10 14.87 -0.50
CA LYS A 129 22.28 15.72 -0.46
C LYS A 129 22.33 16.76 0.68
N GLN A 130 21.33 16.74 1.55
CA GLN A 130 21.26 17.69 2.65
C GLN A 130 21.19 16.92 3.97
N THR A 131 21.35 17.63 5.09
CA THR A 131 21.46 16.95 6.39
C THR A 131 20.59 17.58 7.47
N GLU A 132 19.69 18.47 7.07
CA GLU A 132 18.84 19.13 8.04
C GLU A 132 17.51 18.41 8.20
N ILE A 133 17.04 17.78 7.13
CA ILE A 133 15.71 17.19 7.09
C ILE A 133 15.89 15.68 7.09
N ALA A 134 15.37 15.02 8.13
CA ALA A 134 15.39 13.55 8.22
C ALA A 134 14.32 12.98 7.31
N TYR A 135 14.46 11.71 6.96
CA TYR A 135 13.46 11.04 6.13
C TYR A 135 13.54 9.55 6.34
N GLY A 136 12.40 8.90 6.17
CA GLY A 136 12.29 7.46 6.31
C GLY A 136 11.13 6.86 5.56
N THR A 137 10.83 5.59 5.87
CA THR A 137 9.85 4.79 5.18
C THR A 137 9.02 4.00 6.19
N LEU A 138 7.98 3.38 5.67
CA LEU A 138 7.25 2.37 6.44
C LEU A 138 8.25 1.27 6.83
N ASP A 139 8.13 0.75 8.06
CA ASP A 139 9.20 -0.07 8.67
C ASP A 139 9.35 -1.48 8.15
N SER A 140 8.38 -1.91 7.35
CA SER A 140 8.40 -3.24 6.77
C SER A 140 7.53 -3.13 5.53
N GLY A 141 7.93 -3.75 4.44
CA GLY A 141 7.14 -3.74 3.24
C GLY A 141 8.02 -3.46 2.05
N SER A 142 7.39 -3.26 0.91
CA SER A 142 8.15 -3.16 -0.33
C SER A 142 8.98 -1.89 -0.42
N THR A 143 8.53 -0.80 0.20
CA THR A 143 9.35 0.41 0.11
C THR A 143 10.69 0.23 0.83
N LYS A 144 10.64 -0.28 2.04
CA LYS A 144 11.86 -0.54 2.78
C LYS A 144 12.76 -1.52 2.00
N GLU A 145 12.17 -2.60 1.49
CA GLU A 145 12.95 -3.62 0.78
C GLU A 145 13.58 -3.02 -0.47
N PHE A 146 12.85 -2.15 -1.15
CA PHE A 146 13.38 -1.51 -2.34
C PHE A 146 14.69 -0.78 -2.02
N PHE A 147 14.65 0.04 -0.98
CA PHE A 147 15.84 0.79 -0.59
C PHE A 147 16.97 -0.13 -0.12
N ARG A 148 16.66 -1.15 0.67
CA ARG A 148 17.67 -2.05 1.18
C ARG A 148 18.41 -2.76 0.06
N ARG A 149 17.73 -3.07 -1.05
CA ARG A 149 18.34 -3.84 -2.13
C ARG A 149 18.93 -2.98 -3.23
N SER A 150 18.63 -1.70 -3.26
CA SER A 150 18.94 -0.90 -4.44
C SER A 150 20.42 -0.53 -4.53
N LYS A 151 20.99 -0.72 -5.71
CA LYS A 151 22.33 -0.23 -6.02
C LYS A 151 22.30 1.01 -6.89
N ILE A 152 21.12 1.56 -7.16
CA ILE A 152 21.02 2.85 -7.84
C ILE A 152 21.64 3.88 -6.90
N ALA A 153 22.59 4.68 -7.39
CA ALA A 153 23.43 5.44 -6.49
C ALA A 153 22.65 6.27 -5.46
N CYS A 154 21.67 7.04 -5.93
CA CYS A 154 20.97 7.93 -5.02
C CYS A 154 20.24 7.13 -3.95
N PHE A 155 19.66 6.00 -4.36
CA PHE A 155 18.82 5.24 -3.43
C PHE A 155 19.66 4.43 -2.43
N ASP A 156 20.82 3.95 -2.88
CA ASP A 156 21.80 3.30 -2.01
C ASP A 156 22.28 4.30 -0.96
N LYS A 157 22.59 5.52 -1.38
CA LYS A 157 22.98 6.57 -0.43
C LYS A 157 21.88 6.84 0.60
N MET A 158 20.64 6.94 0.13
CA MET A 158 19.52 7.16 1.02
C MET A 158 19.37 6.02 2.03
N TRP A 159 19.46 4.78 1.56
CA TRP A 159 19.34 3.62 2.46
C TRP A 159 20.44 3.61 3.53
N THR A 160 21.66 3.94 3.10
CA THR A 160 22.81 3.94 3.98
C THR A 160 22.63 4.96 5.10
N TYR A 161 21.99 6.09 4.78
CA TYR A 161 21.58 7.06 5.80
C TYR A 161 20.42 6.51 6.66
N MET A 162 19.34 6.07 6.03
CA MET A 162 18.13 5.74 6.78
C MET A 162 18.34 4.62 7.78
N ARG A 163 19.09 3.61 7.38
CA ARG A 163 19.22 2.43 8.23
C ARG A 163 19.93 2.72 9.56
N SER A 164 20.71 3.81 9.61
CA SER A 164 21.47 4.21 10.81
C SER A 164 21.00 5.48 11.45
N ALA A 165 19.98 6.10 10.88
CA ALA A 165 19.54 7.40 11.39
C ALA A 165 19.00 7.26 12.80
N GLU A 166 19.30 8.27 13.63
CA GLU A 166 18.88 8.31 15.02
C GLU A 166 18.29 9.69 15.33
N PRO A 167 17.08 9.73 15.89
CA PRO A 167 16.21 8.60 16.21
C PRO A 167 15.73 7.89 14.95
N SER A 168 15.23 6.68 15.12
CA SER A 168 14.75 5.90 13.98
C SER A 168 13.82 6.71 13.10
N VAL A 169 14.05 6.63 11.80
CA VAL A 169 13.21 7.30 10.80
C VAL A 169 12.07 6.42 10.27
N PHE A 170 12.00 5.18 10.73
CA PHE A 170 10.97 4.25 10.26
C PHE A 170 9.73 4.34 11.12
N VAL A 171 8.59 4.08 10.49
CA VAL A 171 7.29 4.16 11.15
C VAL A 171 6.49 2.88 10.96
N ARG A 172 5.52 2.66 11.83
CA ARG A 172 4.77 1.40 11.80
C ARG A 172 3.64 1.40 10.77
N THR A 173 3.11 2.56 10.45
CA THR A 173 1.95 2.69 9.55
C THR A 173 2.05 3.99 8.80
N THR A 174 1.37 4.05 7.67
CA THR A 174 1.32 5.28 6.91
C THR A 174 0.81 6.44 7.75
N ALA A 175 -0.22 6.22 8.56
CA ALA A 175 -0.78 7.29 9.36
C ALA A 175 0.28 7.86 10.32
N GLU A 176 1.16 7.00 10.85
CA GLU A 176 2.23 7.47 11.71
C GLU A 176 3.26 8.28 10.93
N GLY A 177 3.56 7.88 9.68
CA GLY A 177 4.46 8.66 8.86
C GLY A 177 3.88 10.03 8.56
N VAL A 178 2.60 10.07 8.22
CA VAL A 178 1.91 11.32 7.94
C VAL A 178 1.92 12.21 9.20
N ALA A 179 1.60 11.65 10.34
CA ALA A 179 1.59 12.43 11.57
C ALA A 179 2.99 12.99 11.86
N ARG A 180 4.04 12.20 11.60
CA ARG A 180 5.39 12.65 11.84
C ARG A 180 5.74 13.81 10.91
N VAL A 181 5.34 13.73 9.65
CA VAL A 181 5.55 14.84 8.73
C VAL A 181 4.85 16.08 9.29
N ARG A 182 3.59 15.92 9.69
CA ARG A 182 2.78 17.04 10.11
C ARG A 182 3.31 17.71 11.36
N LYS A 183 3.92 16.93 12.27
CA LYS A 183 4.36 17.43 13.57
C LYS A 183 5.83 17.86 13.62
N SER A 184 6.60 17.59 12.57
CA SER A 184 8.04 17.81 12.66
C SER A 184 8.52 19.11 12.05
N LYS A 185 7.59 20.02 11.76
CA LYS A 185 7.94 21.40 11.41
C LYS A 185 8.87 21.51 10.21
N GLY A 186 8.71 20.62 9.25
CA GLY A 186 9.54 20.62 8.07
C GLY A 186 10.84 19.85 8.20
N LYS A 187 11.08 19.24 9.35
CA LYS A 187 12.35 18.55 9.56
C LYS A 187 12.27 17.04 9.34
N TYR A 188 11.13 16.55 8.86
CA TYR A 188 10.98 15.16 8.44
C TYR A 188 10.21 15.13 7.14
N ALA A 189 10.69 14.34 6.19
CA ALA A 189 9.97 14.04 4.96
C ALA A 189 9.80 12.53 4.90
N TYR A 190 8.75 12.09 4.23
CA TYR A 190 8.36 10.68 4.27
C TYR A 190 8.36 10.11 2.87
N LEU A 191 9.01 8.96 2.73
CA LEU A 191 9.04 8.25 1.45
C LEU A 191 7.96 7.19 1.49
N LEU A 192 7.00 7.29 0.58
CA LEU A 192 5.87 6.37 0.58
C LEU A 192 5.30 6.20 -0.81
N GLU A 193 4.46 5.19 -0.95
CA GLU A 193 3.85 4.91 -2.22
C GLU A 193 2.99 6.10 -2.69
N SER A 194 3.12 6.42 -3.97
CA SER A 194 2.51 7.61 -4.55
C SER A 194 1.01 7.64 -4.36
N THR A 195 0.37 6.47 -4.42
CA THR A 195 -1.06 6.34 -4.25
C THR A 195 -1.47 6.83 -2.85
N MET A 196 -0.76 6.41 -1.80
CA MET A 196 -1.03 6.94 -0.46
C MET A 196 -0.74 8.44 -0.36
N ASN A 197 0.39 8.88 -0.91
CA ASN A 197 0.77 10.29 -0.91
C ASN A 197 -0.32 11.15 -1.54
N GLU A 198 -0.79 10.71 -2.70
CA GLU A 198 -1.79 11.44 -3.45
C GLU A 198 -3.15 11.44 -2.78
N TYR A 199 -3.47 10.41 -1.99
CA TYR A 199 -4.65 10.42 -1.15
C TYR A 199 -4.53 11.46 -0.04
N ILE A 200 -3.44 11.42 0.70
CA ILE A 200 -3.27 12.26 1.88
C ILE A 200 -3.27 13.75 1.53
N GLU A 201 -2.72 14.14 0.38
CA GLU A 201 -2.75 15.54 0.00
C GLU A 201 -4.13 16.03 -0.39
N GLN A 202 -5.08 15.09 -0.56
CA GLN A 202 -6.50 15.42 -0.74
C GLN A 202 -7.28 15.47 0.59
N ARG A 203 -6.61 15.35 1.73
CA ARG A 203 -7.28 15.37 3.04
C ARG A 203 -6.86 16.56 3.89
N LYS A 204 -7.81 17.04 4.65
CA LYS A 204 -7.53 18.09 5.63
C LYS A 204 -6.53 17.55 6.66
N PRO A 205 -5.65 18.42 7.19
CA PRO A 205 -5.62 19.88 6.99
C PRO A 205 -4.86 20.41 5.76
N CYS A 206 -4.64 19.60 4.75
CA CYS A 206 -4.08 20.10 3.50
C CYS A 206 -2.70 20.72 3.69
N ASP A 207 -1.92 20.10 4.56
CA ASP A 207 -0.59 20.59 4.91
C ASP A 207 0.53 19.73 4.41
N THR A 208 0.22 18.70 3.63
CA THR A 208 1.24 17.84 3.01
C THR A 208 1.08 17.83 1.51
N MET A 209 2.13 17.48 0.80
CA MET A 209 2.04 17.33 -0.65
C MET A 209 3.13 16.41 -1.15
N LYS A 210 2.86 15.82 -2.30
N LYS A 210 2.87 15.84 -2.32
CA LYS A 210 3.86 15.11 -3.07
CA LYS A 210 3.87 15.09 -3.07
C LYS A 210 4.77 16.15 -3.74
C LYS A 210 4.75 16.04 -3.87
N VAL A 211 6.07 15.87 -3.76
CA VAL A 211 7.02 16.66 -4.54
C VAL A 211 7.87 15.75 -5.38
N GLY A 212 8.23 16.20 -6.57
CA GLY A 212 9.11 15.44 -7.43
C GLY A 212 8.41 14.33 -8.18
N GLY A 213 9.17 13.68 -9.05
CA GLY A 213 8.69 12.48 -9.71
C GLY A 213 8.78 11.28 -8.80
N ASN A 214 8.20 10.18 -9.25
CA ASN A 214 8.32 8.93 -8.54
C ASN A 214 9.73 8.33 -8.71
N LEU A 215 10.14 7.54 -7.73
CA LEU A 215 11.46 6.95 -7.71
C LEU A 215 11.49 5.64 -8.50
N ASP A 216 10.34 4.98 -8.61
CA ASP A 216 10.20 3.73 -9.34
C ASP A 216 8.77 3.62 -9.89
N SER A 217 8.49 2.53 -10.58
CA SER A 217 7.19 2.28 -11.20
C SER A 217 6.84 0.84 -10.97
N LYS A 218 5.71 0.59 -10.34
CA LYS A 218 5.26 -0.76 -10.06
C LYS A 218 3.76 -0.81 -9.94
N GLY A 219 3.23 -1.92 -9.41
CA GLY A 219 1.81 -2.09 -9.35
C GLY A 219 1.38 -2.90 -8.15
N TYR A 220 0.12 -2.74 -7.76
CA TYR A 220 -0.51 -3.61 -6.77
C TYR A 220 -1.23 -4.72 -7.53
N GLY A 221 -1.17 -5.94 -6.99
CA GLY A 221 -1.91 -7.06 -7.55
C GLY A 221 -2.71 -7.79 -6.51
N ILE A 222 -3.74 -8.46 -6.98
CA ILE A 222 -4.50 -9.40 -6.16
C ILE A 222 -3.68 -10.70 -6.05
N ALA A 223 -3.38 -11.15 -4.83
CA ALA A 223 -2.48 -12.28 -4.63
C ALA A 223 -3.22 -13.53 -4.18
N THR A 224 -2.70 -14.65 -4.65
CA THR A 224 -3.21 -15.96 -4.26
C THR A 224 -2.02 -16.86 -3.91
N PRO A 225 -2.28 -17.93 -3.16
CA PRO A 225 -1.20 -18.89 -2.93
C PRO A 225 -0.66 -19.46 -4.24
N LYS A 226 0.63 -19.78 -4.28
CA LYS A 226 1.24 -20.17 -5.53
C LYS A 226 0.56 -21.43 -6.10
N GLY A 227 0.11 -21.33 -7.35
CA GLY A 227 -0.54 -22.43 -8.01
C GLY A 227 -2.01 -22.62 -7.73
N SER A 228 -2.60 -21.76 -6.89
CA SER A 228 -4.03 -21.82 -6.64
C SER A 228 -4.83 -21.61 -7.93
N SER A 229 -5.83 -22.45 -8.16
CA SER A 229 -6.68 -22.28 -9.34
C SER A 229 -7.45 -20.97 -9.34
N LEU A 230 -7.63 -20.36 -8.17
CA LEU A 230 -8.41 -19.12 -8.05
C LEU A 230 -7.72 -17.98 -8.78
N GLY A 231 -6.40 -18.06 -8.92
CA GLY A 231 -5.64 -16.99 -9.56
C GLY A 231 -6.09 -16.68 -10.97
N ASN A 232 -6.46 -17.69 -11.76
CA ASN A 232 -6.82 -17.41 -13.15
C ASN A 232 -8.08 -16.56 -13.24
N ALA A 233 -9.14 -16.99 -12.56
CA ALA A 233 -10.40 -16.23 -12.60
C ALA A 233 -10.22 -14.81 -12.05
N VAL A 234 -9.47 -14.68 -10.97
CA VAL A 234 -9.28 -13.38 -10.37
C VAL A 234 -8.51 -12.41 -11.29
N ASN A 235 -7.52 -12.96 -11.97
CA ASN A 235 -6.79 -12.14 -12.94
C ASN A 235 -7.70 -11.67 -14.06
N LEU A 236 -8.49 -12.58 -14.63
CA LEU A 236 -9.39 -12.18 -15.72
C LEU A 236 -10.41 -11.15 -15.22
N ALA A 237 -10.85 -11.29 -13.97
CA ALA A 237 -11.76 -10.29 -13.40
C ALA A 237 -11.12 -8.92 -13.29
N VAL A 238 -9.88 -8.86 -12.80
CA VAL A 238 -9.17 -7.58 -12.73
C VAL A 238 -9.09 -6.95 -14.12
N LEU A 239 -8.73 -7.74 -15.13
CA LEU A 239 -8.59 -7.20 -16.48
C LEU A 239 -9.93 -6.68 -17.00
N LYS A 240 -11.00 -7.43 -16.74
CA LYS A 240 -12.33 -6.99 -17.15
C LYS A 240 -12.73 -5.67 -16.47
N LEU A 241 -12.57 -5.61 -15.15
CA LEU A 241 -12.94 -4.42 -14.37
C LEU A 241 -12.11 -3.21 -14.80
N ASN A 242 -10.84 -3.45 -15.14
CA ASN A 242 -10.02 -2.38 -15.69
C ASN A 242 -10.58 -1.88 -17.01
N GLU A 243 -10.81 -2.81 -17.94
N GLU A 243 -10.77 -2.78 -17.96
CA GLU A 243 -11.27 -2.48 -19.30
CA GLU A 243 -11.23 -2.35 -19.27
C GLU A 243 -12.67 -1.87 -19.37
C GLU A 243 -12.58 -1.61 -19.18
N GLN A 244 -13.49 -2.11 -18.35
CA GLN A 244 -14.82 -1.53 -18.23
C GLN A 244 -14.80 -0.16 -17.60
N GLY A 245 -13.68 0.24 -17.02
CA GLY A 245 -13.58 1.55 -16.40
C GLY A 245 -13.92 1.58 -14.91
N LEU A 246 -14.19 0.43 -14.33
CA LEU A 246 -14.61 0.41 -12.95
C LEU A 246 -13.45 0.76 -12.00
N LEU A 247 -12.24 0.29 -12.30
CA LEU A 247 -11.11 0.62 -11.43
C LEU A 247 -10.89 2.13 -11.37
N ASP A 248 -10.97 2.78 -12.53
CA ASP A 248 -10.81 4.24 -12.56
C ASP A 248 -11.91 4.94 -11.76
N LYS A 249 -13.15 4.47 -11.88
CA LYS A 249 -14.26 5.05 -11.12
C LYS A 249 -14.04 4.89 -9.63
N LEU A 250 -13.55 3.72 -9.19
CA LEU A 250 -13.29 3.52 -7.78
C LEU A 250 -12.15 4.40 -7.28
N LYS A 251 -11.11 4.56 -8.08
CA LYS A 251 -10.02 5.43 -7.71
C LYS A 251 -10.54 6.86 -7.55
N ASN A 252 -11.33 7.34 -8.51
CA ASN A 252 -11.82 8.71 -8.38
C ASN A 252 -12.71 8.87 -7.16
N LYS A 253 -13.55 7.87 -6.89
CA LYS A 253 -14.45 7.92 -5.76
C LYS A 253 -13.68 8.11 -4.46
N TRP A 254 -12.65 7.27 -4.26
CA TRP A 254 -11.98 7.23 -2.96
C TRP A 254 -10.84 8.24 -2.80
N TRP A 255 -10.30 8.75 -3.92
CA TRP A 255 -9.19 9.72 -3.84
C TRP A 255 -9.59 11.16 -4.02
N TYR A 256 -10.42 11.42 -5.03
CA TYR A 256 -10.55 12.79 -5.56
C TYR A 256 -11.94 13.41 -5.45
N ASP A 257 -13.01 12.64 -5.58
CA ASP A 257 -14.34 13.21 -5.78
C ASP A 257 -14.76 13.99 -4.54
N LYS A 258 -14.30 13.57 -3.37
CA LYS A 258 -14.58 14.28 -2.11
C LYS A 258 -13.33 14.89 -1.47
N GLY A 259 -12.34 15.19 -2.30
CA GLY A 259 -11.12 15.80 -1.83
C GLY A 259 -11.42 17.07 -1.04
N GLU A 260 -10.65 17.31 0.02
CA GLU A 260 -10.89 18.41 0.96
C GLU A 260 -9.93 19.59 0.76
N CYS A 261 -9.15 19.54 -0.32
CA CYS A 261 -8.07 20.49 -0.55
C CYS A 261 -8.17 21.16 -1.92
N GLY A 262 -9.40 21.31 -2.39
CA GLY A 262 -9.63 21.99 -3.65
C GLY A 262 -9.69 21.07 -4.86
N SER A 263 -9.74 21.68 -6.04
CA SER A 263 -9.89 20.95 -7.29
C SER A 263 -8.80 21.30 -8.29
N GLY A 264 -8.86 20.64 -9.43
CA GLY A 264 -8.05 21.01 -10.57
C GLY A 264 -6.84 20.12 -10.73
N1 FWD B . 3.65 -0.16 1.67
C2 FWD B . 4.96 0.27 1.55
O2 FWD B . 5.85 -0.56 1.49
N3 FWD B . 5.20 1.61 1.54
C4 FWD B . 4.22 2.54 1.65
O4 FWD B . 4.53 3.74 1.63
C5 FWD B . 2.93 2.08 1.83
F5 FWD B . 1.92 2.96 2.02
C6 FWD B . 2.64 0.74 1.84
C7 FWD B . 3.36 -1.60 1.65
C8 FWD B . 3.51 -2.13 0.22
N8 FWD B . 2.38 -1.78 -0.62
C9 FWD B . 3.71 -3.62 0.25
O91 FWD B . 4.63 -4.06 0.97
O92 FWD B . 2.95 -4.37 -0.43
H3 FWD B . 6.07 1.90 1.45
H6 FWD B . 1.74 0.44 1.93
H71 FWD B . 2.43 -1.76 1.95
H72 FWD B . 3.99 -2.06 2.23
H8 FWD B . 4.30 -1.74 -0.17
H81 FWD B . 1.61 -2.13 -0.26
H82 FWD B . 2.51 -2.12 -1.47
P PO4 C . 22.11 -3.52 5.60
O1 PO4 C . 21.89 -2.67 4.41
O2 PO4 C . 20.94 -3.25 6.59
O3 PO4 C . 21.92 -5.00 5.19
O4 PO4 C . 23.41 -3.34 6.35
P PO4 D . -14.75 -4.33 15.37
O1 PO4 D . -13.57 -3.35 15.41
O2 PO4 D . -15.83 -3.64 14.54
O3 PO4 D . -15.08 -4.55 16.87
O4 PO4 D . -14.10 -5.54 14.65
O1 PG4 E . 0.20 15.56 -6.87
C1 PG4 E . -1.09 15.73 -7.54
C2 PG4 E . -1.88 16.97 -6.99
O2 PG4 E . -1.39 18.14 -7.62
C3 PG4 E . -2.02 19.34 -7.20
C4 PG4 E . -1.18 20.49 -7.68
O3 PG4 E . 0.19 20.26 -7.26
C5 PG4 E . 1.09 21.26 -7.78
C6 PG4 E . 2.51 21.01 -7.21
O4 PG4 E . 2.87 19.69 -7.60
C7 PG4 E . 4.17 19.21 -7.16
C8 PG4 E . 4.51 17.92 -7.94
O5 PG4 E . 3.75 16.83 -7.42
H11 PG4 E . -0.93 15.86 -8.50
H12 PG4 E . -1.63 14.93 -7.41
H21 PG4 E . -2.84 16.86 -7.19
H22 PG4 E . -1.74 17.04 -6.02
H31 PG4 E . -2.08 19.35 -6.22
H32 PG4 E . -2.92 19.40 -7.58
H41 PG4 E . -1.22 20.53 -8.66
H42 PG4 E . -1.52 21.33 -7.29
H51 PG4 E . 1.12 21.20 -8.75
H52 PG4 E . 0.78 22.16 -7.51
H61 PG4 E . 3.14 21.66 -7.56
H62 PG4 E . 2.49 21.07 -6.23
H71 PG4 E . 4.86 19.89 -7.33
H72 PG4 E . 4.12 19.01 -6.20
H81 PG4 E . 4.28 18.05 -8.88
H82 PG4 E . 5.46 17.72 -7.85
C1 PEG F . 10.03 6.07 -12.28
O1 PEG F . 9.76 4.82 -12.84
C2 PEG F . 9.45 7.18 -13.16
O2 PEG F . 8.10 6.82 -13.42
C3 PEG F . 7.26 7.82 -13.97
C4 PEG F . 6.03 7.76 -13.08
O4 PEG F . 5.13 8.79 -13.33
H11 PEG F . 9.63 6.12 -11.37
H12 PEG F . 11.01 6.19 -12.20
H21 PEG F . 9.50 8.06 -12.69
H22 PEG F . 9.95 7.24 -14.01
H31 PEG F . 7.04 7.64 -14.89
H32 PEG F . 7.69 8.71 -13.89
H41 PEG F . 5.58 6.89 -13.22
H42 PEG F . 6.33 7.81 -12.14
O2' TOE G . -0.83 -2.09 -16.05
CA' TOE G . -2.07 -2.04 -15.36
CB' TOE G . -2.55 -0.60 -15.10
OC' TOE G . -3.22 -0.53 -13.82
CD' TOE G . -4.65 -0.47 -13.87
CE' TOE G . -5.06 0.94 -13.49
OF' TOE G . -6.49 1.11 -13.54
CG' TOE G . -6.89 2.48 -13.51
CH' TOE G . -6.78 3.07 -12.09
OI' TOE G . -6.88 4.53 -11.99
CK' TOE G . -5.58 5.18 -11.84
H1 TOE G . -0.65 -2.93 -16.31
H2 TOE G . -1.96 -2.49 -14.51
H3 TOE G . -2.74 -2.51 -15.88
H4 TOE G . -1.78 -0.01 -15.07
H5 TOE G . -3.16 -0.31 -15.81
H6 TOE G . -4.96 -0.69 -14.76
H7 TOE G . -5.02 -1.12 -13.23
H8 TOE G . -4.75 1.14 -12.59
H9 TOE G . -4.65 1.57 -14.12
H10 TOE G . -7.82 2.54 -13.81
H11 TOE G . -6.33 2.99 -14.12
H12 TOE G . -7.51 2.69 -11.56
H13 TOE G . -5.95 2.77 -11.69
H14 TOE G . -5.02 4.98 -12.63
H15 TOE G . -5.70 6.13 -11.76
H16 TOE G . -5.13 4.83 -11.03
O3 PG4 H . 14.67 -1.08 10.47
C5 PG4 H . 15.91 -0.60 9.90
C6 PG4 H . 16.97 -1.70 10.08
O4 PG4 H . 17.43 -2.12 8.79
C7 PG4 H . 16.54 -3.00 8.12
C8 PG4 H . 17.34 -4.18 7.57
O5 PG4 H . 16.40 -5.27 7.41
H51 PG4 H . 16.21 0.21 10.37
H52 PG4 H . 15.79 -0.42 8.96
H61 PG4 H . 16.58 -2.47 10.55
H62 PG4 H . 17.73 -1.35 10.60
H71 PG4 H . 16.09 -2.51 7.38
H72 PG4 H . 15.88 -3.33 8.75
H81 PG4 H . 18.06 -4.43 8.21
H82 PG4 H . 17.73 -3.95 6.70
C5 PG0 I . -12.51 -24.94 6.41
O2 PG0 I . -11.36 -24.06 6.17
C4 PG0 I . -10.12 -24.65 6.48
C3 PG0 I . -9.06 -23.57 6.39
O1 PG0 I . -8.96 -23.08 5.04
C2 PG0 I . -8.15 -21.89 4.98
C1 PG0 I . -8.44 -21.21 3.64
OTT PG0 I . -9.82 -21.00 3.50
H51 PG0 I . -12.46 -25.28 7.34
H52 PG0 I . -12.49 -25.69 5.78
H53 PG0 I . -13.36 -24.43 6.29
H41 PG0 I . -10.15 -25.01 7.39
H42 PG0 I . -9.93 -25.36 5.83
H31 PG0 I . -9.30 -22.84 6.98
H32 PG0 I . -8.20 -23.94 6.66
H21 PG0 I . -8.40 -21.27 5.73
H22 PG0 I . -7.20 -22.14 5.03
H11 PG0 I . -7.96 -20.34 3.60
H12 PG0 I . -8.12 -21.78 2.92
HTT PG0 I . -10.01 -20.78 2.63
OH2 ETE J . -8.72 -24.16 -4.99
C12 ETE J . -8.63 -22.71 -5.12
C22 ETE J . -8.97 -22.15 -3.75
OH3 ETE J . -10.36 -22.18 -3.60
C13 ETE J . -12.41 -21.61 -2.33
C23 ETE J . -10.85 -21.56 -2.36
OH4 ETE J . -12.90 -20.89 -3.50
C14 ETE J . -14.29 -21.23 -5.38
C24 ETE J . -14.33 -20.82 -3.89
OH5 ETE J . -15.14 -20.57 -6.31
C15 ETE J . -15.36 -22.37 -7.93
C25 ETE J . -14.89 -20.96 -7.68
OH6 ETE J . -15.15 -22.69 -9.25
C26 ETE J . -15.02 -24.11 -9.52
HO2 ETE J . -8.54 -24.55 -5.78
H121 ETE J . -9.28 -22.41 -5.79
H122 ETE J . -7.70 -22.44 -5.39
H221 ETE J . -8.66 -21.23 -3.69
H222 ETE J . -8.55 -22.68 -3.07
H131 ETE J . -12.73 -21.20 -1.52
H132 ETE J . -12.71 -22.54 -2.38
H231 ETE J . -10.54 -20.60 -2.33
H232 ETE J . -10.49 -22.05 -1.58
H141 ETE J . -14.48 -22.20 -5.43
H142 ETE J . -13.37 -21.09 -5.69
H241 ETE J . -14.67 -19.91 -3.79
H242 ETE J . -14.85 -21.45 -3.38
H151 ETE J . -16.29 -22.45 -7.71
H152 ETE J . -14.86 -22.98 -7.37
H251 ETE J . -13.93 -20.90 -7.85
H252 ETE J . -15.35 -20.35 -8.28
H261 ETE J . -14.92 -24.27 -10.48
H262 ETE J . -15.82 -24.58 -9.20
H263 ETE J . -14.23 -24.48 -9.05
OH2 ETE K . -1.51 24.20 -3.96
C12 ETE K . -0.30 23.65 -4.52
C22 ETE K . 0.39 22.87 -3.41
OH3 ETE K . -0.40 21.76 -3.02
C13 ETE K . -1.11 19.51 -3.29
C23 ETE K . -0.24 20.62 -3.87
OH4 ETE K . -2.49 19.76 -3.74
C14 ETE K . -4.76 19.06 -3.61
C24 ETE K . -3.33 18.69 -3.31
OH5 ETE K . -4.95 19.04 -5.03
C15 ETE K . -6.39 19.07 -6.88
C25 ETE K . -6.30 19.35 -5.41
OH6 ETE K . -6.51 17.69 -7.02
C26 ETE K . -6.58 17.24 -8.41
H121 ETE K . 0.29 24.36 -4.87
H122 ETE K . -0.54 23.02 -5.26
H221 ETE K . 0.53 23.45 -2.64
H222 ETE K . 1.25 22.55 -3.72
H131 ETE K . -1.10 19.56 -2.32
H132 ETE K . -0.80 18.63 -3.59
H231 ETE K . 0.73 20.33 -3.87
H232 ETE K . -0.53 20.83 -4.79
H141 ETE K . -4.95 19.96 -3.28
H142 ETE K . -5.37 18.42 -3.19
H241 ETE K . -3.23 18.56 -2.34
H242 ETE K . -3.10 17.87 -3.77
H151 ETE K . -5.58 19.35 -7.31
H152 ETE K . -7.15 19.53 -7.26
H251 ETE K . -6.48 20.29 -5.24
H252 ETE K . -6.93 18.80 -4.92
H261 ETE K . -6.62 16.27 -8.44
H262 ETE K . -5.79 17.55 -8.89
H263 ETE K . -7.39 17.62 -8.83
C1 PEG L . -17.92 8.46 3.88
O1 PEG L . -19.22 8.57 4.40
C2 PEG L . -17.19 7.31 4.59
O2 PEG L . -15.83 7.17 4.16
C3 PEG L . -15.02 8.34 4.30
C4 PEG L . -13.73 7.96 5.02
O4 PEG L . -12.76 8.95 4.80
H11 PEG L . -17.98 8.26 2.90
H12 PEG L . -17.44 9.29 4.01
HO1 PEG L . -19.58 7.72 4.51
H21 PEG L . -17.20 7.49 5.58
H22 PEG L . -17.67 6.47 4.42
H31 PEG L . -15.48 9.00 4.82
H32 PEG L . -14.80 8.70 3.41
H41 PEG L . -13.91 7.88 5.98
H42 PEG L . -13.40 7.11 4.67
C1 EDO M . -3.86 5.31 6.34
O1 EDO M . -4.64 4.55 7.28
C2 EDO M . -3.52 6.76 6.71
O2 EDO M . -4.62 7.54 7.25
H11 EDO M . -2.93 4.78 6.17
H12 EDO M . -4.40 5.32 5.40
HO1 EDO M . -4.79 3.67 6.93
H21 EDO M . -2.71 6.76 7.45
H22 EDO M . -3.13 7.27 5.82
HO2 EDO M . -4.32 8.44 7.46
C1 PEG N . 19.53 13.98 7.93
O1 PEG N . 20.57 13.55 7.13
C2 PEG N . 20.01 14.17 9.38
O2 PEG N . 19.03 14.98 10.01
C3 PEG N . 18.46 14.55 11.24
C4 PEG N . 17.65 15.68 11.83
O4 PEG N . 16.85 15.15 12.84
H11 PEG N . 19.18 14.85 7.59
H12 PEG N . 18.81 13.32 7.91
HO1 PEG N . 20.26 13.33 6.30
H21 PEG N . 20.08 13.28 9.84
H22 PEG N . 20.88 14.63 9.39
H31 PEG N . 19.17 14.29 11.85
H32 PEG N . 17.88 13.78 11.08
H41 PEG N . 18.26 16.36 12.20
H42 PEG N . 17.10 16.08 11.13
NA NA O . -1.76 9.86 -10.28
#